data_8TVZ
#
_entry.id   8TVZ
#
_entity_poly.entity_id   1
_entity_poly.type   'polyribonucleotide'
_entity_poly.pdbx_seq_one_letter_code
;GGAAUCUCGCCCGAUGUUCGCAUCGGGAUUUGCAGGUCCAUGGAUUACACCAUGCAACGCAGACCUGUAGAUGCCACGCU
AGCCGUGGUGAGGGUCGGGUCCAGAUGUCAUUCGACUUUAACGCGCCUAAGCGUUGAAGGCGUGUUAGAGCAGAUAGUUC
GCUAUCUGGGGAGCCUGUUCGCAGGCUCAGGAGCCUUCGGGCUCCUAGCGCUAUUACCCCGGACACCACCGGGCAGACAA
GUAAUGGUGCUCCUCGAAUGACUUCUGUUGAGUAGAGUGUGGGCUCCGCGGCUAGUGUGCACCUUAGCGGUGAAUGUCUG
ACACCGUUAAGGUGGUUACUCUUCGGAGUAACGCCGAGAUUCC
;
_entity_poly.pdbx_strand_id   C
#
loop_
_chem_comp.id
_chem_comp.type
_chem_comp.name
_chem_comp.formula
A RNA linking ADENOSINE-5'-MONOPHOSPHATE 'C10 H14 N5 O7 P'
C RNA linking CYTIDINE-5'-MONOPHOSPHATE 'C9 H14 N3 O8 P'
G RNA linking GUANOSINE-5'-MONOPHOSPHATE 'C10 H14 N5 O8 P'
U RNA linking URIDINE-5'-MONOPHOSPHATE 'C9 H13 N2 O9 P'
#